data_2QPL
#
_entry.id   2QPL
#
_cell.length_a   93.442
_cell.length_b   93.442
_cell.length_c   93.442
_cell.angle_alpha   90.00
_cell.angle_beta   90.00
_cell.angle_gamma   90.00
#
_symmetry.space_group_name_H-M   'P 21 3'
#
loop_
_entity.id
_entity.type
_entity.pdbx_description
1 polymer 'Purine nucleoside phosphorylase'
2 non-polymer 'SULFATE ION'
3 non-polymer 'MAGNESIUM ION'
4 non-polymer 4-amino-7-methylpyrazolo[1,5-a][1,3,5]triazin-2(1H)-one
5 water water
#
_entity_poly.entity_id   1
_entity_poly.type   'polypeptide(L)'
_entity_poly.pdbx_seq_one_letter_code
;NGYTYEDYQDTAKWLLSHTEQRPQVAVICGSGLGGLVNKLTQAQTFDYSEIPNFPESTVPGHAGRLVFGILNGRACVMMQ
GRFHMYEGYPFWKVTFPVRVFRLLGVETLVVTNAAGGLNPNFEVGDIMLIRDHINLPGFSGENPLRGPNEERFGVRFPAM
SDAYDRDMRQKAHSTWKQMGEQRELQEGTYVMLGGPNFETVAECRLLRNLGADAVGMSTVPEVIVARHCGLRVFGFSLIT
NKVIMDYESQGKANHEEVLEAGKQAAQKLEQFVSLLMASIPV
;
_entity_poly.pdbx_strand_id   A
#
loop_
_chem_comp.id
_chem_comp.type
_chem_comp.name
_chem_comp.formula
BTY non-polymer 4-amino-7-methylpyrazolo[1,5-a][1,3,5]triazin-2(1H)-one 'C6 H7 N5 O'
MG non-polymer 'MAGNESIUM ION' 'Mg 2'
SO4 non-polymer 'SULFATE ION' 'O4 S -2'
#
# COMPACT_ATOMS: atom_id res chain seq x y z
N ASN A 1 3.07 20.43 -3.52
CA ASN A 1 3.99 19.79 -2.53
C ASN A 1 4.86 20.82 -1.78
N GLY A 2 5.12 20.56 -0.49
CA GLY A 2 6.01 21.37 0.33
C GLY A 2 7.43 20.85 0.55
N TYR A 3 7.67 19.55 0.29
CA TYR A 3 9.05 19.00 0.40
C TYR A 3 9.90 19.25 -0.85
N THR A 4 11.18 19.56 -0.65
CA THR A 4 12.11 19.62 -1.78
C THR A 4 12.74 18.25 -1.99
N TYR A 5 13.33 18.04 -3.18
CA TYR A 5 14.07 16.82 -3.46
C TYR A 5 15.13 16.52 -2.37
N GLU A 6 15.77 17.56 -1.85
CA GLU A 6 16.81 17.41 -0.84
C GLU A 6 16.28 16.95 0.55
N ASP A 7 15.05 17.33 0.88
CA ASP A 7 14.41 16.84 2.08
C ASP A 7 14.30 15.31 2.00
N TYR A 8 13.87 14.77 0.86
CA TYR A 8 13.74 13.32 0.71
C TYR A 8 15.13 12.67 0.79
N GLN A 9 16.10 13.34 0.14
CA GLN A 9 17.50 12.91 0.14
C GLN A 9 18.10 12.90 1.56
N ASP A 10 17.89 13.98 2.33
CA ASP A 10 18.32 14.04 3.73
C ASP A 10 17.85 12.86 4.55
N THR A 11 16.57 12.54 4.43
CA THR A 11 15.99 11.40 5.14
C THR A 11 16.56 10.06 4.72
N ALA A 12 16.66 9.84 3.42
CA ALA A 12 17.20 8.57 2.92
C ALA A 12 18.67 8.41 3.37
N LYS A 13 19.45 9.49 3.28
CA LYS A 13 20.84 9.46 3.77
C LYS A 13 20.92 9.17 5.28
N TRP A 14 20.05 9.79 6.06
CA TRP A 14 20.00 9.52 7.49
C TRP A 14 19.72 8.03 7.77
N LEU A 15 18.72 7.48 7.11
CA LEU A 15 18.44 6.03 7.23
C LEU A 15 19.65 5.16 6.83
N LEU A 16 20.24 5.47 5.68
CA LEU A 16 21.42 4.70 5.20
C LEU A 16 22.59 4.75 6.20
N SER A 17 22.67 5.87 6.93
CA SER A 17 23.66 6.08 7.97
C SER A 17 23.39 5.29 9.25
N HIS A 18 22.17 4.79 9.44
CA HIS A 18 21.77 4.17 10.72
C HIS A 18 21.47 2.67 10.71
N THR A 19 21.45 2.10 9.52
CA THR A 19 21.27 0.66 9.34
C THR A 19 22.20 0.18 8.23
N GLU A 20 22.71 -1.05 8.34
CA GLU A 20 23.41 -1.68 7.19
C GLU A 20 22.41 -2.26 6.15
N GLN A 21 21.13 -2.29 6.51
CA GLN A 21 20.11 -2.92 5.66
C GLN A 21 19.93 -2.13 4.37
N ARG A 22 19.85 -2.83 3.25
CA ARG A 22 19.70 -2.19 1.95
C ARG A 22 18.52 -2.82 1.22
N PRO A 23 17.28 -2.41 1.57
CA PRO A 23 16.11 -3.10 1.07
C PRO A 23 15.89 -2.82 -0.41
N GLN A 24 15.39 -3.81 -1.14
CA GLN A 24 14.98 -3.65 -2.54
C GLN A 24 13.46 -3.62 -2.64
N VAL A 25 12.78 -3.99 -1.56
CA VAL A 25 11.32 -4.05 -1.55
C VAL A 25 10.85 -3.20 -0.38
N ALA A 26 9.76 -2.44 -0.56
CA ALA A 26 9.11 -1.76 0.57
C ALA A 26 7.67 -2.25 0.72
N VAL A 27 7.23 -2.45 1.96
CA VAL A 27 5.89 -2.90 2.22
C VAL A 27 5.17 -1.93 3.16
N ILE A 28 4.03 -1.35 2.74
CA ILE A 28 3.21 -0.48 3.59
C ILE A 28 2.05 -1.32 4.15
N CYS A 29 2.07 -1.55 5.47
CA CYS A 29 1.10 -2.44 6.14
C CYS A 29 -0.09 -1.63 6.63
N GLY A 30 -1.27 -1.98 6.13
CA GLY A 30 -2.50 -1.33 6.50
C GLY A 30 -3.13 -1.89 7.78
N SER A 31 -4.44 -1.65 7.92
CA SER A 31 -5.14 -1.93 9.15
C SER A 31 -5.16 -3.41 9.41
N GLY A 32 -4.78 -3.79 10.64
CA GLY A 32 -4.68 -5.18 11.07
C GLY A 32 -3.56 -6.03 10.47
N LEU A 33 -2.63 -5.42 9.75
CA LEU A 33 -1.51 -6.18 9.18
C LEU A 33 -0.16 -5.72 9.69
N GLY A 34 -0.17 -4.98 10.79
CA GLY A 34 1.06 -4.55 11.44
C GLY A 34 1.84 -5.74 11.98
N GLY A 35 1.17 -6.88 12.07
CA GLY A 35 1.81 -8.12 12.54
C GLY A 35 2.87 -8.73 11.64
N LEU A 36 2.91 -8.32 10.37
CA LEU A 36 3.91 -8.82 9.41
C LEU A 36 5.39 -8.53 9.77
N VAL A 37 5.64 -7.43 10.48
CA VAL A 37 7.03 -7.08 10.88
C VAL A 37 7.63 -8.15 11.81
N ASN A 38 6.77 -8.96 12.42
CA ASN A 38 7.19 -10.00 13.37
C ASN A 38 7.84 -11.20 12.68
N LYS A 39 7.77 -11.22 11.36
CA LYS A 39 8.25 -12.33 10.55
C LYS A 39 9.68 -12.06 10.07
N LEU A 40 10.12 -10.82 10.29
CA LEU A 40 11.39 -10.31 9.79
C LEU A 40 12.58 -10.85 10.55
N THR A 41 13.64 -11.17 9.83
CA THR A 41 14.90 -11.49 10.47
C THR A 41 15.85 -10.29 10.36
N GLN A 42 16.81 -10.19 11.30
CA GLN A 42 17.76 -9.05 11.36
C GLN A 42 17.05 -7.71 11.40
N ALA A 43 15.95 -7.68 12.14
CA ALA A 43 15.04 -6.57 12.17
C ALA A 43 15.66 -5.32 12.85
N GLN A 44 15.38 -4.15 12.31
CA GLN A 44 15.79 -2.89 12.90
C GLN A 44 14.63 -1.91 12.81
N THR A 45 14.25 -1.34 13.95
CA THR A 45 13.08 -0.46 14.05
C THR A 45 13.46 0.98 14.29
N PHE A 46 12.73 1.87 13.62
CA PHE A 46 12.79 3.29 13.88
C PHE A 46 11.35 3.75 14.08
N ASP A 47 11.05 4.37 15.22
CA ASP A 47 9.75 5.05 15.35
C ASP A 47 9.72 6.17 14.31
N TYR A 48 8.57 6.46 13.70
CA TYR A 48 8.48 7.59 12.77
C TYR A 48 8.95 8.92 13.38
N SER A 49 8.71 9.12 14.67
CA SER A 49 9.09 10.39 15.35
C SER A 49 10.61 10.55 15.43
N GLU A 50 11.37 9.48 15.17
CA GLU A 50 12.84 9.54 15.23
C GLU A 50 13.53 9.81 13.89
N ILE A 51 12.77 9.71 12.80
CA ILE A 51 13.30 9.86 11.46
C ILE A 51 13.12 11.30 10.98
N PRO A 52 14.23 12.04 10.69
CA PRO A 52 14.06 13.43 10.26
C PRO A 52 13.12 13.52 9.05
N ASN A 53 12.27 14.54 9.07
CA ASN A 53 11.25 14.81 8.02
C ASN A 53 10.02 13.88 7.89
N PHE A 54 10.02 12.73 8.56
CA PHE A 54 8.85 11.86 8.53
C PHE A 54 7.65 12.56 9.11
N PRO A 55 6.47 12.42 8.45
CA PRO A 55 5.22 12.86 9.10
C PRO A 55 5.11 12.14 10.46
N GLU A 56 4.44 12.78 11.41
CA GLU A 56 4.47 12.38 12.83
C GLU A 56 4.46 10.88 13.12
N GLY A 61 -5.60 2.44 15.05
CA GLY A 61 -4.50 2.54 14.09
C GLY A 61 -3.32 1.62 14.38
N HIS A 62 -2.22 1.83 13.65
CA HIS A 62 -0.99 1.05 13.83
C HIS A 62 0.24 1.82 14.36
N ALA A 63 1.34 1.08 14.53
CA ALA A 63 2.49 1.48 15.36
C ALA A 63 3.11 2.87 15.15
N GLY A 64 3.23 3.25 13.87
CA GLY A 64 4.00 4.41 13.53
C GLY A 64 5.47 4.08 13.63
N ARG A 65 5.89 2.98 13.00
CA ARG A 65 7.29 2.55 12.99
C ARG A 65 7.70 1.98 11.63
N LEU A 66 8.96 2.22 11.29
CA LEU A 66 9.58 1.71 10.07
C LEU A 66 10.52 0.58 10.47
N VAL A 67 10.33 -0.60 9.88
CA VAL A 67 11.12 -1.78 10.25
C VAL A 67 11.84 -2.37 9.01
N PHE A 68 13.16 -2.38 9.06
CA PHE A 68 14.03 -3.01 8.06
C PHE A 68 14.24 -4.43 8.50
N GLY A 69 14.42 -5.34 7.56
CA GLY A 69 14.70 -6.73 7.89
C GLY A 69 14.72 -7.62 6.67
N ILE A 70 14.92 -8.92 6.90
CA ILE A 70 14.92 -9.91 5.83
C ILE A 70 13.60 -10.68 5.96
N LEU A 71 12.84 -10.73 4.86
CA LEU A 71 11.61 -11.52 4.79
C LEU A 71 11.75 -12.59 3.70
N ASN A 72 11.69 -13.86 4.10
CA ASN A 72 11.82 -14.99 3.16
C ASN A 72 13.00 -14.76 2.23
N GLY A 73 14.13 -14.34 2.80
CA GLY A 73 15.39 -14.19 2.08
C GLY A 73 15.57 -12.91 1.31
N ARG A 74 14.65 -11.97 1.50
CA ARG A 74 14.65 -10.74 0.74
C ARG A 74 14.74 -9.51 1.68
N ALA A 75 15.68 -8.62 1.38
CA ALA A 75 15.81 -7.38 2.14
C ALA A 75 14.59 -6.48 1.87
N CYS A 76 13.89 -6.13 2.95
CA CYS A 76 12.75 -5.26 2.82
CA CYS A 76 12.65 -5.36 2.94
C CYS A 76 12.68 -4.21 3.95
N VAL A 77 11.91 -3.15 3.68
CA VAL A 77 11.61 -2.13 4.68
C VAL A 77 10.07 -2.04 4.80
N MET A 78 9.55 -2.02 6.01
CA MET A 78 8.10 -2.00 6.20
C MET A 78 7.60 -0.81 6.98
N MET A 79 6.53 -0.20 6.47
CA MET A 79 5.74 0.73 7.27
C MET A 79 4.69 -0.03 8.08
N GLN A 80 4.90 -0.10 9.40
CA GLN A 80 3.92 -0.63 10.32
C GLN A 80 3.03 0.56 10.70
N GLY A 81 1.96 0.73 9.93
CA GLY A 81 1.13 1.92 10.00
C GLY A 81 1.40 2.86 8.84
N ARG A 82 0.33 3.47 8.33
CA ARG A 82 0.45 4.48 7.28
C ARG A 82 -0.12 5.83 7.74
N PHE A 83 -0.05 6.84 6.86
CA PHE A 83 -0.60 8.17 7.12
C PHE A 83 -1.93 8.33 6.34
N HIS A 84 -2.91 9.00 6.92
CA HIS A 84 -4.22 9.08 6.25
C HIS A 84 -4.71 10.50 6.00
N MET A 85 -5.28 10.75 4.83
CA MET A 85 -5.87 12.06 4.57
C MET A 85 -6.90 12.48 5.66
N TYR A 86 -7.66 11.52 6.20
CA TYR A 86 -8.73 11.82 7.16
C TYR A 86 -8.17 12.27 8.50
N GLU A 87 -6.87 12.02 8.71
CA GLU A 87 -6.16 12.52 9.90
C GLU A 87 -5.77 13.98 9.77
N GLY A 88 -5.97 14.57 8.58
CA GLY A 88 -5.57 15.95 8.29
C GLY A 88 -4.32 16.08 7.43
N TYR A 89 -3.72 14.95 7.05
CA TYR A 89 -2.56 15.00 6.12
C TYR A 89 -2.94 15.33 4.67
N PRO A 90 -2.19 16.24 4.05
CA PRO A 90 -2.21 16.36 2.60
C PRO A 90 -1.46 15.19 2.00
N PHE A 91 -1.80 14.82 0.77
CA PHE A 91 -1.17 13.67 0.12
C PHE A 91 0.30 13.78 -0.04
N TRP A 92 0.81 15.01 -0.14
CA TRP A 92 2.25 15.18 -0.27
C TRP A 92 3.00 14.80 1.01
N LYS A 93 2.28 14.77 2.14
CA LYS A 93 2.83 14.24 3.36
C LYS A 93 2.58 12.75 3.48
N VAL A 94 1.38 12.29 3.12
CA VAL A 94 1.02 10.86 3.17
C VAL A 94 2.04 10.01 2.42
N THR A 95 2.48 10.54 1.28
CA THR A 95 3.34 9.81 0.36
C THR A 95 4.83 10.11 0.49
N PHE A 96 5.21 10.94 1.45
CA PHE A 96 6.64 11.27 1.68
C PHE A 96 7.52 9.99 1.71
N PRO A 97 7.11 8.97 2.48
CA PRO A 97 8.03 7.82 2.61
C PRO A 97 8.30 7.06 1.29
N VAL A 98 7.37 7.12 0.33
CA VAL A 98 7.48 6.38 -0.95
C VAL A 98 8.70 6.85 -1.75
N ARG A 99 8.88 8.16 -1.80
CA ARG A 99 10.03 8.78 -2.45
C ARG A 99 11.31 8.55 -1.70
N VAL A 100 11.23 8.55 -0.36
CA VAL A 100 12.35 8.14 0.47
C VAL A 100 12.83 6.73 0.07
N PHE A 101 11.89 5.80 -0.06
CA PHE A 101 12.23 4.41 -0.42
C PHE A 101 12.96 4.34 -1.78
N ARG A 102 12.42 5.05 -2.78
CA ARG A 102 13.09 5.16 -4.08
C ARG A 102 14.55 5.61 -3.88
N LEU A 103 14.78 6.60 -2.99
CA LEU A 103 16.13 7.12 -2.77
C LEU A 103 17.02 6.20 -1.93
N LEU A 104 16.43 5.21 -1.30
CA LEU A 104 17.23 4.14 -0.66
C LEU A 104 17.63 3.06 -1.66
N GLY A 105 17.09 3.13 -2.87
CA GLY A 105 17.29 2.05 -3.84
C GLY A 105 16.24 0.96 -3.87
N VAL A 106 15.11 1.15 -3.19
CA VAL A 106 13.98 0.25 -3.34
C VAL A 106 13.45 0.25 -4.80
N GLU A 107 13.08 -0.92 -5.31
CA GLU A 107 12.55 -1.05 -6.67
C GLU A 107 11.10 -1.49 -6.72
N THR A 108 10.63 -2.13 -5.65
CA THR A 108 9.27 -2.65 -5.63
C THR A 108 8.54 -2.19 -4.39
N LEU A 109 7.29 -1.74 -4.55
CA LEU A 109 6.41 -1.35 -3.44
C LEU A 109 5.22 -2.30 -3.36
N VAL A 110 5.00 -2.89 -2.19
CA VAL A 110 3.83 -3.69 -1.94
C VAL A 110 2.96 -2.84 -1.01
N VAL A 111 1.69 -2.66 -1.39
CA VAL A 111 0.71 -1.96 -0.55
C VAL A 111 -0.36 -2.92 -0.07
N THR A 112 -0.75 -2.78 1.20
CA THR A 112 -1.87 -3.52 1.74
C THR A 112 -2.80 -2.57 2.48
N ASN A 113 -4.06 -2.95 2.53
CA ASN A 113 -5.09 -2.24 3.31
C ASN A 113 -6.22 -3.21 3.71
N ALA A 114 -7.11 -2.75 4.60
CA ALA A 114 -8.41 -3.37 4.86
C ALA A 114 -9.49 -2.56 4.16
N ALA A 115 -10.43 -3.24 3.51
CA ALA A 115 -11.43 -2.55 2.68
C ALA A 115 -12.83 -3.13 2.87
N GLY A 116 -13.86 -2.36 2.52
CA GLY A 116 -15.23 -2.86 2.46
C GLY A 116 -15.49 -3.55 1.13
N GLY A 117 -16.07 -4.75 1.17
CA GLY A 117 -16.38 -5.46 -0.07
C GLY A 117 -17.64 -4.94 -0.74
N LEU A 118 -17.49 -4.39 -1.94
CA LEU A 118 -18.64 -3.99 -2.77
C LEU A 118 -19.14 -5.06 -3.76
N ASN A 119 -18.22 -5.88 -4.24
CA ASN A 119 -18.58 -6.96 -5.16
C ASN A 119 -19.46 -7.97 -4.36
N PRO A 120 -20.67 -8.29 -4.88
CA PRO A 120 -21.60 -9.16 -4.10
C PRO A 120 -21.06 -10.57 -3.84
N ASN A 121 -20.09 -11.00 -4.65
CA ASN A 121 -19.47 -12.34 -4.49
C ASN A 121 -18.31 -12.40 -3.50
N PHE A 122 -17.93 -11.26 -2.90
CA PHE A 122 -16.87 -11.21 -1.87
C PHE A 122 -17.44 -11.58 -0.50
N GLU A 123 -16.62 -12.21 0.33
CA GLU A 123 -16.99 -12.54 1.70
C GLU A 123 -15.93 -11.98 2.62
N VAL A 124 -16.33 -11.67 3.86
CA VAL A 124 -15.39 -11.34 4.94
C VAL A 124 -14.29 -12.42 5.05
N GLY A 125 -13.05 -11.98 5.05
CA GLY A 125 -11.91 -12.90 5.05
C GLY A 125 -11.28 -13.10 3.67
N ASP A 126 -11.94 -12.62 2.61
CA ASP A 126 -11.38 -12.61 1.27
C ASP A 126 -10.16 -11.73 1.21
N ILE A 127 -9.23 -12.12 0.34
CA ILE A 127 -8.10 -11.30 -0.04
C ILE A 127 -8.33 -10.92 -1.50
N MET A 128 -8.29 -9.62 -1.79
CA MET A 128 -8.42 -9.11 -3.13
C MET A 128 -7.10 -8.55 -3.63
N LEU A 129 -6.49 -9.22 -4.62
CA LEU A 129 -5.41 -8.61 -5.40
C LEU A 129 -5.97 -7.34 -6.03
N ILE A 130 -5.28 -6.22 -5.85
CA ILE A 130 -5.73 -4.98 -6.50
C ILE A 130 -5.27 -4.98 -7.96
N ARG A 131 -6.25 -4.99 -8.86
CA ARG A 131 -6.03 -5.01 -10.30
C ARG A 131 -6.00 -3.59 -10.88
N ASP A 132 -6.75 -2.69 -10.26
CA ASP A 132 -6.95 -1.34 -10.78
C ASP A 132 -7.48 -0.49 -9.63
N HIS A 133 -7.48 0.83 -9.83
CA HIS A 133 -8.11 1.68 -8.81
C HIS A 133 -8.94 2.79 -9.40
N ILE A 134 -9.79 3.35 -8.56
CA ILE A 134 -10.50 4.58 -8.90
C ILE A 134 -10.14 5.63 -7.89
N ASN A 135 -9.61 6.75 -8.35
CA ASN A 135 -9.13 7.77 -7.43
C ASN A 135 -10.12 8.94 -7.32
N LEU A 136 -11.12 8.82 -6.45
CA LEU A 136 -12.10 9.93 -6.30
C LEU A 136 -11.51 11.28 -5.86
N PRO A 137 -10.65 11.32 -4.81
CA PRO A 137 -10.04 12.64 -4.49
C PRO A 137 -9.25 13.25 -5.67
N GLY A 138 -8.62 12.40 -6.46
CA GLY A 138 -7.90 12.80 -7.67
C GLY A 138 -8.77 13.46 -8.73
N PHE A 139 -10.06 13.06 -8.80
CA PHE A 139 -11.01 13.67 -9.74
C PHE A 139 -11.16 15.15 -9.46
N SER A 140 -11.12 15.52 -8.18
CA SER A 140 -11.27 16.91 -7.75
C SER A 140 -9.97 17.70 -7.63
N GLY A 141 -8.84 17.03 -7.88
CA GLY A 141 -7.54 17.70 -7.84
C GLY A 141 -6.70 17.46 -6.60
N GLU A 142 -7.25 16.80 -5.57
CA GLU A 142 -6.46 16.34 -4.42
C GLU A 142 -5.51 15.21 -4.87
N ASN A 143 -4.26 15.55 -5.11
CA ASN A 143 -3.31 14.63 -5.75
C ASN A 143 -1.92 14.94 -5.21
N PRO A 144 -1.16 13.90 -4.84
CA PRO A 144 0.19 14.08 -4.27
C PRO A 144 1.20 14.68 -5.26
N LEU A 145 0.89 14.61 -6.55
CA LEU A 145 1.73 15.18 -7.62
C LEU A 145 1.34 16.63 -7.95
N ARG A 146 0.30 17.16 -7.29
CA ARG A 146 -0.16 18.52 -7.59
C ARG A 146 0.94 19.50 -7.20
N GLY A 147 1.26 20.44 -8.09
CA GLY A 147 2.36 21.38 -7.84
C GLY A 147 3.38 21.20 -8.94
N PRO A 148 4.45 22.00 -8.96
CA PRO A 148 5.45 21.85 -10.03
C PRO A 148 6.05 20.45 -10.03
N ASN A 149 6.30 19.90 -11.22
CA ASN A 149 6.87 18.55 -11.30
C ASN A 149 8.37 18.52 -10.91
N GLU A 150 8.75 17.56 -10.05
CA GLU A 150 10.15 17.23 -9.80
C GLU A 150 10.64 16.17 -10.78
N GLU A 151 11.36 16.60 -11.82
CA GLU A 151 11.83 15.72 -12.88
C GLU A 151 12.84 14.66 -12.40
N ARG A 152 13.50 14.94 -11.28
CA ARG A 152 14.41 13.96 -10.67
C ARG A 152 13.68 12.72 -10.16
N PHE A 153 12.36 12.84 -9.99
CA PHE A 153 11.53 11.69 -9.63
C PHE A 153 10.82 11.09 -10.86
N GLY A 154 10.19 11.91 -11.70
CA GLY A 154 9.52 11.40 -12.90
C GLY A 154 8.87 12.46 -13.79
N VAL A 155 7.95 12.02 -14.65
CA VAL A 155 7.39 12.87 -15.71
C VAL A 155 6.18 13.71 -15.24
N ARG A 156 5.95 14.85 -15.89
CA ARG A 156 4.81 15.72 -15.55
C ARG A 156 3.46 14.98 -15.54
N PHE A 157 3.25 14.16 -16.57
CA PHE A 157 2.00 13.42 -16.79
C PHE A 157 2.17 11.89 -16.82
N PRO A 158 2.28 11.27 -15.64
CA PRO A 158 2.47 9.82 -15.64
C PRO A 158 1.20 9.00 -15.91
N ALA A 159 1.34 7.98 -16.75
CA ALA A 159 0.34 6.95 -16.98
C ALA A 159 0.04 6.18 -15.68
N MET A 160 -1.22 5.80 -15.52
CA MET A 160 -1.64 5.06 -14.34
C MET A 160 -2.35 3.78 -14.71
N SER A 161 -2.63 3.59 -16.00
CA SER A 161 -3.36 2.42 -16.48
C SER A 161 -2.64 1.08 -16.29
N ASP A 162 -1.32 1.11 -16.17
CA ASP A 162 -0.53 -0.11 -15.88
C ASP A 162 0.06 -0.09 -14.45
N ALA A 163 -0.64 0.51 -13.48
CA ALA A 163 -0.04 0.75 -12.17
C ALA A 163 0.22 -0.53 -11.40
N TYR A 164 -0.73 -1.48 -11.50
CA TYR A 164 -0.63 -2.73 -10.74
C TYR A 164 0.04 -3.80 -11.64
N ASP A 165 1.31 -4.06 -11.35
CA ASP A 165 2.18 -4.89 -12.17
C ASP A 165 1.56 -6.23 -12.59
N ARG A 166 1.44 -6.45 -13.90
CA ARG A 166 0.80 -7.65 -14.43
C ARG A 166 1.58 -8.93 -14.13
N ASP A 167 2.91 -8.87 -14.14
CA ASP A 167 3.67 -10.09 -13.83
C ASP A 167 3.50 -10.49 -12.36
N MET A 168 3.55 -9.51 -11.45
CA MET A 168 3.30 -9.81 -10.03
C MET A 168 1.90 -10.35 -9.78
N ARG A 169 0.91 -9.85 -10.51
CA ARG A 169 -0.44 -10.42 -10.42
C ARG A 169 -0.49 -11.91 -10.84
N GLN A 170 0.30 -12.29 -11.84
CA GLN A 170 0.43 -13.71 -12.23
C GLN A 170 1.12 -14.52 -11.15
N LYS A 171 2.23 -14.01 -10.60
CA LYS A 171 2.93 -14.66 -9.48
C LYS A 171 2.00 -14.86 -8.32
N ALA A 172 1.20 -13.83 -8.03
CA ALA A 172 0.28 -13.84 -6.90
C ALA A 172 -0.72 -15.00 -7.02
N HIS A 173 -1.30 -15.16 -8.20
CA HIS A 173 -2.28 -16.25 -8.42
C HIS A 173 -1.63 -17.64 -8.35
N SER A 174 -0.46 -17.78 -8.97
CA SER A 174 0.33 -19.00 -8.90
C SER A 174 0.71 -19.39 -7.46
N THR A 175 1.26 -18.45 -6.70
CA THR A 175 1.58 -18.66 -5.28
C THR A 175 0.39 -19.07 -4.41
N TRP A 176 -0.74 -18.39 -4.60
CA TRP A 176 -1.98 -18.72 -3.88
C TRP A 176 -2.37 -20.17 -4.16
N LYS A 177 -2.21 -20.60 -5.42
CA LYS A 177 -2.49 -22.00 -5.77
C LYS A 177 -1.58 -22.95 -5.02
N GLN A 178 -0.29 -22.60 -4.97
CA GLN A 178 0.67 -23.37 -4.18
C GLN A 178 0.31 -23.52 -2.68
N MET A 179 -0.33 -22.50 -2.13
CA MET A 179 -0.71 -22.50 -0.73
C MET A 179 -1.82 -23.50 -0.42
N GLY A 180 -2.60 -23.84 -1.44
CA GLY A 180 -3.67 -24.85 -1.32
C GLY A 180 -4.91 -24.31 -0.62
N GLU A 181 -5.16 -23.01 -0.77
CA GLU A 181 -6.35 -22.36 -0.18
C GLU A 181 -7.62 -22.85 -0.86
N GLN A 182 -8.65 -23.06 -0.07
CA GLN A 182 -9.95 -23.51 -0.56
C GLN A 182 -10.73 -22.36 -1.20
N ARG A 183 -10.53 -21.16 -0.67
CA ARG A 183 -11.16 -19.97 -1.26
C ARG A 183 -10.23 -19.39 -2.34
N GLU A 184 -10.82 -19.01 -3.46
CA GLU A 184 -10.10 -18.39 -4.56
C GLU A 184 -9.54 -17.01 -4.14
N LEU A 185 -8.43 -16.65 -4.78
CA LEU A 185 -7.90 -15.32 -4.62
C LEU A 185 -8.78 -14.38 -5.43
N GLN A 186 -9.39 -13.42 -4.76
CA GLN A 186 -10.18 -12.43 -5.49
C GLN A 186 -9.25 -11.43 -6.16
N GLU A 187 -9.74 -10.72 -7.16
CA GLU A 187 -9.06 -9.53 -7.68
C GLU A 187 -10.07 -8.55 -8.24
N GLY A 188 -9.68 -7.27 -8.28
CA GLY A 188 -10.65 -6.24 -8.62
C GLY A 188 -10.14 -4.83 -8.43
N THR A 189 -11.08 -3.90 -8.54
CA THR A 189 -10.85 -2.47 -8.49
C THR A 189 -11.13 -1.92 -7.10
N TYR A 190 -10.12 -1.21 -6.57
CA TYR A 190 -10.22 -0.51 -5.31
C TYR A 190 -10.60 0.97 -5.55
N VAL A 191 -11.62 1.45 -4.85
CA VAL A 191 -11.94 2.89 -4.95
C VAL A 191 -11.54 3.54 -3.63
N MET A 192 -10.78 4.63 -3.72
CA MET A 192 -10.53 5.43 -2.51
C MET A 192 -11.50 6.62 -2.36
N LEU A 193 -11.97 6.82 -1.12
CA LEU A 193 -12.74 8.01 -0.71
C LEU A 193 -11.99 8.59 0.50
N GLY A 194 -12.29 9.82 0.89
CA GLY A 194 -11.61 10.50 2.00
C GLY A 194 -11.79 9.93 3.41
N GLY A 195 -13.03 9.55 3.75
CA GLY A 195 -13.41 9.25 5.12
C GLY A 195 -13.40 10.50 6.00
N PRO A 196 -13.41 10.32 7.33
CA PRO A 196 -13.32 9.04 8.05
C PRO A 196 -14.67 8.32 8.33
N ASN A 197 -15.82 8.92 7.98
CA ASN A 197 -17.09 8.23 8.24
C ASN A 197 -17.21 7.06 7.26
N PHE A 198 -17.95 6.03 7.66
CA PHE A 198 -18.29 4.96 6.78
C PHE A 198 -19.45 5.43 5.85
N GLU A 199 -19.69 4.68 4.77
CA GLU A 199 -20.58 5.10 3.70
C GLU A 199 -22.03 4.84 4.01
N THR A 200 -22.88 5.66 3.40
CA THR A 200 -24.31 5.40 3.38
C THR A 200 -24.57 4.27 2.38
N VAL A 201 -25.77 3.70 2.45
CA VAL A 201 -26.24 2.72 1.47
C VAL A 201 -26.26 3.35 0.07
N ALA A 202 -26.78 4.58 -0.05
CA ALA A 202 -26.81 5.20 -1.38
C ALA A 202 -25.40 5.38 -1.98
N GLU A 203 -24.45 5.74 -1.14
CA GLU A 203 -23.06 5.88 -1.55
C GLU A 203 -22.51 4.53 -2.00
N CYS A 204 -22.73 3.47 -1.21
CA CYS A 204 -22.27 2.09 -1.59
C CYS A 204 -22.79 1.61 -2.92
N ARG A 205 -24.07 1.86 -3.19
CA ARG A 205 -24.69 1.39 -4.44
C ARG A 205 -24.09 2.16 -5.63
N LEU A 206 -23.93 3.47 -5.47
CA LEU A 206 -23.25 4.32 -6.46
C LEU A 206 -21.82 3.81 -6.79
N LEU A 207 -21.04 3.52 -5.75
CA LEU A 207 -19.67 3.05 -5.85
C LEU A 207 -19.56 1.72 -6.58
N ARG A 208 -20.43 0.77 -6.23
CA ARG A 208 -20.56 -0.51 -6.94
C ARG A 208 -20.88 -0.28 -8.44
N ASN A 209 -21.83 0.63 -8.71
CA ASN A 209 -22.22 0.94 -10.08
C ASN A 209 -21.11 1.68 -10.89
N LEU A 210 -20.13 2.26 -10.20
CA LEU A 210 -18.95 2.84 -10.87
C LEU A 210 -17.97 1.77 -11.35
N GLY A 211 -18.20 0.51 -10.95
CA GLY A 211 -17.29 -0.61 -11.21
C GLY A 211 -16.30 -0.92 -10.07
N ALA A 212 -16.50 -0.39 -8.87
CA ALA A 212 -15.57 -0.70 -7.76
C ALA A 212 -15.92 -2.02 -7.11
N ASP A 213 -14.88 -2.78 -6.74
CA ASP A 213 -15.04 -4.04 -6.04
C ASP A 213 -14.80 -3.88 -4.53
N ALA A 214 -13.99 -2.92 -4.15
CA ALA A 214 -13.72 -2.68 -2.74
C ALA A 214 -13.56 -1.20 -2.50
N VAL A 215 -13.92 -0.75 -1.29
CA VAL A 215 -13.84 0.66 -0.86
C VAL A 215 -12.91 0.82 0.38
N GLY A 216 -12.01 1.78 0.29
CA GLY A 216 -11.19 2.17 1.42
C GLY A 216 -10.80 3.63 1.39
N MET A 217 -9.97 4.03 2.34
CA MET A 217 -9.63 5.43 2.60
C MET A 217 -8.14 5.69 2.43
N SER A 218 -7.42 4.83 1.71
CA SER A 218 -5.97 4.98 1.64
C SER A 218 -5.41 4.44 0.33
N THR A 219 -4.07 4.36 0.27
CA THR A 219 -3.33 3.50 -0.68
C THR A 219 -3.10 4.10 -2.07
N VAL A 220 -4.18 4.53 -2.71
CA VAL A 220 -4.12 5.14 -4.03
C VAL A 220 -3.03 6.25 -4.15
N PRO A 221 -2.95 7.19 -3.16
CA PRO A 221 -1.91 8.22 -3.36
C PRO A 221 -0.49 7.64 -3.35
N GLU A 222 -0.26 6.62 -2.53
CA GLU A 222 1.03 5.92 -2.47
C GLU A 222 1.38 5.24 -3.79
N VAL A 223 0.42 4.53 -4.39
CA VAL A 223 0.55 3.95 -5.73
C VAL A 223 0.89 5.02 -6.80
N ILE A 224 0.16 6.14 -6.82
CA ILE A 224 0.46 7.20 -7.81
C ILE A 224 1.94 7.69 -7.75
N VAL A 225 2.40 8.00 -6.53
CA VAL A 225 3.77 8.50 -6.31
C VAL A 225 4.82 7.44 -6.61
N ALA A 226 4.54 6.19 -6.23
CA ALA A 226 5.36 5.04 -6.57
C ALA A 226 5.55 4.90 -8.08
N ARG A 227 4.44 4.92 -8.81
CA ARG A 227 4.50 4.79 -10.27
C ARG A 227 5.22 5.98 -10.92
N HIS A 228 4.93 7.19 -10.46
CA HIS A 228 5.63 8.39 -10.91
C HIS A 228 7.16 8.25 -10.83
N CYS A 229 7.67 7.69 -9.74
CA CYS A 229 9.12 7.57 -9.56
C CYS A 229 9.63 6.21 -10.05
N GLY A 230 8.78 5.42 -10.69
CA GLY A 230 9.27 4.23 -11.35
C GLY A 230 9.30 2.93 -10.58
N LEU A 231 8.65 2.88 -9.43
CA LEU A 231 8.55 1.65 -8.65
C LEU A 231 7.59 0.68 -9.29
N ARG A 232 7.91 -0.60 -9.19
CA ARG A 232 6.97 -1.65 -9.54
C ARG A 232 5.98 -1.76 -8.35
N VAL A 233 4.69 -1.92 -8.61
CA VAL A 233 3.69 -1.90 -7.53
C VAL A 233 2.81 -3.12 -7.60
N PHE A 234 2.54 -3.74 -6.47
CA PHE A 234 1.41 -4.65 -6.37
C PHE A 234 0.81 -4.52 -4.99
N GLY A 235 -0.43 -4.96 -4.84
CA GLY A 235 -1.08 -4.80 -3.55
C GLY A 235 -2.31 -5.64 -3.39
N PHE A 236 -2.83 -5.63 -2.16
CA PHE A 236 -3.95 -6.46 -1.71
C PHE A 236 -4.88 -5.72 -0.75
N SER A 237 -6.18 -5.96 -0.90
CA SER A 237 -7.17 -5.57 0.11
C SER A 237 -7.62 -6.79 0.88
N LEU A 238 -7.59 -6.68 2.21
CA LEU A 238 -8.27 -7.58 3.11
C LEU A 238 -9.72 -7.13 3.20
N ILE A 239 -10.64 -8.01 2.84
CA ILE A 239 -12.08 -7.71 2.93
C ILE A 239 -12.54 -8.06 4.36
N THR A 240 -12.57 -7.04 5.22
CA THR A 240 -12.90 -7.19 6.65
C THR A 240 -14.38 -6.91 6.92
N ASN A 241 -15.09 -6.39 5.92
CA ASN A 241 -16.53 -6.26 6.02
C ASN A 241 -17.18 -6.27 4.67
N LYS A 242 -18.39 -6.80 4.65
CA LYS A 242 -19.22 -6.82 3.47
C LYS A 242 -20.22 -5.66 3.60
N VAL A 243 -20.23 -4.76 2.62
CA VAL A 243 -21.05 -3.55 2.78
C VAL A 243 -22.56 -3.82 2.55
N ILE A 244 -23.37 -3.09 3.30
CA ILE A 244 -24.85 -3.18 3.22
C ILE A 244 -25.38 -2.34 2.06
N MET A 245 -26.08 -2.98 1.12
CA MET A 245 -26.64 -2.29 -0.04
C MET A 245 -28.16 -2.16 -0.01
N ASP A 246 -28.77 -2.45 1.14
CA ASP A 246 -30.22 -2.40 1.29
C ASP A 246 -30.52 -1.50 2.47
N TYR A 247 -31.60 -0.73 2.37
CA TYR A 247 -32.17 0.02 3.49
C TYR A 247 -33.31 -0.81 4.08
N GLU A 260 -12.11 -10.51 13.46
CA GLU A 260 -13.05 -11.61 13.62
C GLU A 260 -12.66 -12.76 12.68
N ALA A 261 -13.29 -12.85 11.50
CA ALA A 261 -12.72 -13.57 10.36
C ALA A 261 -11.62 -12.73 9.69
N GLY A 262 -11.57 -11.44 10.04
CA GLY A 262 -10.50 -10.53 9.62
C GLY A 262 -9.13 -10.91 10.19
N LYS A 263 -9.11 -11.50 11.39
CA LYS A 263 -7.87 -11.88 12.06
C LYS A 263 -7.15 -13.03 11.36
N GLN A 264 -7.90 -14.08 11.01
CA GLN A 264 -7.32 -15.23 10.32
C GLN A 264 -6.91 -14.90 8.89
N ALA A 265 -7.64 -13.99 8.27
CA ALA A 265 -7.33 -13.53 6.93
C ALA A 265 -6.07 -12.65 6.97
N ALA A 266 -5.95 -11.83 8.00
CA ALA A 266 -4.74 -11.00 8.16
C ALA A 266 -3.50 -11.89 8.28
N GLN A 267 -3.59 -12.95 9.09
CA GLN A 267 -2.48 -13.94 9.23
C GLN A 267 -2.17 -14.65 7.90
N LYS A 268 -3.22 -14.94 7.15
CA LYS A 268 -3.10 -15.51 5.81
C LYS A 268 -2.42 -14.52 4.87
N LEU A 269 -2.78 -13.24 4.92
CA LEU A 269 -2.14 -12.26 4.04
C LEU A 269 -0.66 -12.13 4.41
N GLU A 270 -0.37 -12.16 5.71
CA GLU A 270 1.03 -12.19 6.16
C GLU A 270 1.84 -13.35 5.55
N GLN A 271 1.35 -14.59 5.65
CA GLN A 271 2.05 -15.73 5.00
C GLN A 271 2.21 -15.50 3.51
N PHE A 272 1.11 -15.04 2.89
CA PHE A 272 1.05 -14.79 1.43
C PHE A 272 2.12 -13.78 0.98
N VAL A 273 2.16 -12.59 1.58
CA VAL A 273 3.19 -11.60 1.21
C VAL A 273 4.59 -12.18 1.44
N SER A 274 4.75 -12.95 2.51
CA SER A 274 6.03 -13.57 2.85
C SER A 274 6.52 -14.51 1.72
N LEU A 275 5.65 -15.42 1.30
CA LEU A 275 5.93 -16.32 0.17
C LEU A 275 6.26 -15.56 -1.12
N LEU A 276 5.54 -14.46 -1.38
CA LEU A 276 5.70 -13.69 -2.60
C LEU A 276 7.02 -12.93 -2.78
N MET A 277 7.75 -12.67 -1.69
CA MET A 277 9.10 -12.07 -1.78
C MET A 277 10.00 -12.88 -2.73
N ALA A 278 9.86 -14.20 -2.70
CA ALA A 278 10.55 -15.12 -3.63
C ALA A 278 10.31 -14.84 -5.14
N SER A 279 9.15 -14.28 -5.47
CA SER A 279 8.72 -14.08 -6.84
C SER A 279 9.00 -12.66 -7.37
N ILE A 280 9.40 -11.73 -6.50
CA ILE A 280 9.81 -10.37 -6.93
C ILE A 280 11.12 -10.49 -7.72
N PRO A 281 11.18 -9.93 -8.94
CA PRO A 281 12.42 -9.95 -9.73
C PRO A 281 13.63 -9.33 -8.99
N VAL A 282 14.83 -9.79 -9.38
CA VAL A 282 16.14 -9.34 -8.88
C VAL A 282 16.26 -9.23 -7.36
S SO4 B . -5.86 1.14 5.85
O1 SO4 B . -6.78 1.52 6.95
O2 SO4 B . -4.55 1.69 6.12
O3 SO4 B . -5.87 -0.31 5.85
O4 SO4 B . -6.38 1.66 4.60
MG MG C . 20.79 -5.28 13.11
C1 BTY D . -15.69 0.53 4.40
C3 BTY D . -14.34 2.35 3.86
C5 BTY D . -13.33 0.59 4.95
C8 BTY D . -13.16 -1.27 5.86
O12 BTY D . -14.28 3.58 3.30
N2 BTY D . -15.53 1.74 3.85
N4 BTY D . -13.24 1.81 4.40
C9 BTY D . -12.45 -0.20 5.53
C10 BTY D . -12.62 -2.49 6.58
N7 BTY D . -14.44 -1.17 5.50
N6 BTY D . -14.58 -0.08 4.96
N11 BTY D . -16.88 -0.06 4.37
#